data_6Z0R
#
_entry.id   6Z0R
#
_cell.length_a   47.493
_cell.length_b   64.729
_cell.length_c   48.238
_cell.angle_alpha   90.000
_cell.angle_beta   110.880
_cell.angle_gamma   90.000
#
_symmetry.space_group_name_H-M   'P 1 21 1'
#
loop_
_entity.id
_entity.type
_entity.pdbx_description
1 polymer 'Phosphoribosylaminoimidazole-succinocarboxamide synthase'
2 non-polymer 4-azanylpyrimidine-5-carbonitrile
3 non-polymer 'SULFATE ION'
4 non-polymer 1,2-ETHANEDIOL
5 water water
#
_entity_poly.entity_id   1
_entity_poly.type   'polypeptide(L)'
_entity_poly.pdbx_seq_one_letter_code
;MSHHHHHHSMRPSLSDYQHVASGKVRELYRVDDEHLLFVATDRISAFDFVLDTPIPDKGRILTAMSVFFFGLLTVPNHLA
GPPDDPRIPEEVLGRALLVRRLDMLPVECVARGYLTGSGLLDYQRTGAVCGHVLPQGLGEASRLDPPLFTPATKADIGEH
DMNVDFAAVVGLVGAVRANQLRDETIKIYTRAAAHALHKGIILADTKFEFGVDIEGNLVLADEVFTPDSSRYWDAAHYQP
GVVQDSFDKQFVRNWLTGPESGWDRASDTPPPPLPDEVAVATRERYIEAYERISGLSFSDWIGPSA
;
_entity_poly.pdbx_strand_id   A
#
loop_
_chem_comp.id
_chem_comp.type
_chem_comp.name
_chem_comp.formula
EDO non-polymer 1,2-ETHANEDIOL 'C2 H6 O2'
Q4H non-polymer 4-azanylpyrimidine-5-carbonitrile 'C5 H4 N4'
SO4 non-polymer 'SULFATE ION' 'O4 S -2'
#
# COMPACT_ATOMS: atom_id res chain seq x y z
N MET A 10 27.63 14.83 7.43
CA MET A 10 27.03 14.34 8.67
C MET A 10 25.50 14.39 8.59
N ARG A 11 24.86 13.22 8.66
CA ARG A 11 23.41 13.15 8.62
C ARG A 11 22.80 13.69 9.89
N PRO A 12 21.67 14.40 9.77
CA PRO A 12 20.99 14.93 10.95
C PRO A 12 20.38 13.82 11.76
N SER A 13 20.04 14.14 13.00
CA SER A 13 19.31 13.21 13.85
C SER A 13 17.84 13.32 13.52
N LEU A 14 17.11 12.22 13.66
CA LEU A 14 15.68 12.25 13.46
C LEU A 14 15.03 13.25 14.42
N SER A 15 15.63 13.40 15.61
CA SER A 15 15.13 14.32 16.62
C SER A 15 15.25 15.78 16.20
N ASP A 16 15.99 16.05 15.13
CA ASP A 16 16.10 17.41 14.60
C ASP A 16 14.85 17.84 13.82
N TYR A 17 13.98 16.89 13.52
CA TYR A 17 12.80 17.15 12.71
C TYR A 17 11.53 17.06 13.55
N GLN A 18 10.54 17.88 13.24
CA GLN A 18 9.26 17.80 13.95
C GLN A 18 8.38 16.67 13.44
N HIS A 19 7.95 15.82 14.36
CA HIS A 19 7.02 14.75 14.09
C HIS A 19 5.65 15.34 13.79
N VAL A 20 5.09 15.07 12.62
CA VAL A 20 3.83 15.69 12.24
C VAL A 20 2.68 14.71 12.10
N ALA A 21 2.98 13.44 11.90
CA ALA A 21 1.93 12.44 11.72
C ALA A 21 2.44 11.05 12.01
N SER A 22 1.55 10.25 12.59
CA SER A 22 1.82 8.85 12.84
C SER A 22 0.69 8.01 12.27
N GLY A 23 1.06 7.03 11.44
CA GLY A 23 0.12 6.06 10.94
C GLY A 23 0.42 4.73 11.59
N LYS A 24 -0.21 3.65 11.11
CA LYS A 24 -0.02 2.34 11.70
C LYS A 24 1.42 1.87 11.57
N VAL A 25 1.95 1.94 10.35
CA VAL A 25 3.30 1.44 10.09
C VAL A 25 4.24 2.53 9.60
N ARG A 26 3.74 3.75 9.42
CA ARG A 26 4.57 4.81 8.87
C ARG A 26 4.55 6.10 9.69
N GLU A 27 5.59 6.89 9.51
CA GLU A 27 5.75 8.15 10.24
C GLU A 27 6.08 9.27 9.26
N LEU A 28 5.68 10.48 9.63
CA LEU A 28 5.92 11.65 8.81
C LEU A 28 6.57 12.74 9.66
N TYR A 29 7.65 13.33 9.15
CA TYR A 29 8.36 14.41 9.84
C TYR A 29 8.49 15.63 8.94
N ARG A 30 8.48 16.81 9.56
CA ARG A 30 8.74 18.04 8.84
C ARG A 30 10.24 18.28 8.74
N VAL A 31 10.72 18.50 7.52
CA VAL A 31 12.13 18.82 7.28
C VAL A 31 12.30 20.34 7.13
N ASP A 32 11.49 20.94 6.26
CA ASP A 32 11.37 22.40 6.23
C ASP A 32 9.97 22.73 5.72
N ASP A 33 9.74 23.98 5.33
CA ASP A 33 8.38 24.42 5.00
C ASP A 33 7.83 23.68 3.79
N GLU A 34 8.70 23.15 2.96
CA GLU A 34 8.25 22.52 1.71
C GLU A 34 8.63 21.05 1.59
N HIS A 35 9.25 20.48 2.63
CA HIS A 35 9.65 19.08 2.56
C HIS A 35 9.34 18.30 3.81
N LEU A 36 9.04 17.02 3.61
CA LEU A 36 8.80 16.08 4.69
C LEU A 36 9.74 14.90 4.57
N LEU A 37 9.87 14.17 5.66
CA LEU A 37 10.56 12.89 5.68
C LEU A 37 9.51 11.81 5.87
N PHE A 38 9.40 10.92 4.89
CA PHE A 38 8.43 9.84 4.91
C PHE A 38 9.15 8.58 5.38
N VAL A 39 8.74 8.04 6.52
CA VAL A 39 9.46 6.92 7.14
C VAL A 39 8.62 5.66 7.20
N ALA A 40 9.14 4.58 6.64
CA ALA A 40 8.52 3.27 6.75
C ALA A 40 9.12 2.55 7.95
N THR A 41 8.30 1.90 8.76
CA THR A 41 8.82 1.15 9.90
C THR A 41 8.82 -0.34 9.58
N ASP A 42 9.35 -1.12 10.51
CA ASP A 42 9.38 -2.56 10.37
C ASP A 42 8.13 -3.22 10.95
N ARG A 43 7.17 -2.43 11.41
CA ARG A 43 5.94 -3.00 11.96
C ARG A 43 5.07 -3.62 10.87
N ILE A 44 4.36 -4.67 11.23
CA ILE A 44 3.47 -5.36 10.31
C ILE A 44 2.08 -5.47 10.93
N SER A 45 1.06 -5.29 10.11
CA SER A 45 -0.31 -5.44 10.54
C SER A 45 -0.90 -6.74 9.98
N ALA A 46 -1.69 -7.42 10.80
CA ALA A 46 -2.46 -8.58 10.37
C ALA A 46 -3.77 -8.63 11.13
N PHE A 47 -4.86 -8.93 10.43
CA PHE A 47 -6.20 -8.94 11.03
C PHE A 47 -6.53 -7.64 11.74
N ASP A 48 -6.10 -6.53 11.16
CA ASP A 48 -6.34 -5.18 11.69
C ASP A 48 -5.67 -4.95 13.04
N PHE A 49 -4.63 -5.73 13.34
CA PHE A 49 -3.79 -5.50 14.50
C PHE A 49 -2.36 -5.20 14.09
N VAL A 50 -1.76 -4.17 14.65
CA VAL A 50 -0.32 -4.01 14.51
C VAL A 50 0.32 -5.02 15.45
N LEU A 51 1.06 -5.98 14.89
CA LEU A 51 1.62 -7.06 15.69
C LEU A 51 2.80 -6.62 16.54
N ASP A 52 3.04 -7.35 17.62
CA ASP A 52 4.13 -7.04 18.55
C ASP A 52 5.51 -7.17 17.92
N THR A 53 5.63 -8.09 16.98
CA THR A 53 6.92 -8.47 16.42
C THR A 53 7.19 -7.75 15.11
N PRO A 54 8.29 -6.98 15.05
CA PRO A 54 8.63 -6.34 13.77
C PRO A 54 9.23 -7.35 12.80
N ILE A 55 9.13 -7.07 11.50
CA ILE A 55 9.77 -7.88 10.47
C ILE A 55 11.08 -7.22 10.07
N PRO A 56 12.21 -7.89 10.31
CA PRO A 56 13.48 -7.22 10.03
C PRO A 56 13.59 -6.79 8.57
N ASP A 57 14.04 -5.55 8.37
CA ASP A 57 14.25 -4.93 7.06
C ASP A 57 12.96 -4.63 6.27
N LYS A 58 11.80 -4.86 6.86
CA LYS A 58 10.54 -4.63 6.14
C LYS A 58 10.43 -3.19 5.65
N GLY A 59 10.73 -2.22 6.50
CA GLY A 59 10.69 -0.83 6.08
C GLY A 59 11.60 -0.55 4.92
N ARG A 60 12.81 -1.10 4.93
CA ARG A 60 13.74 -0.88 3.83
C ARG A 60 13.28 -1.55 2.55
N ILE A 61 12.76 -2.77 2.66
CA ILE A 61 12.32 -3.48 1.46
C ILE A 61 11.12 -2.77 0.83
N LEU A 62 10.17 -2.34 1.65
CA LEU A 62 9.00 -1.66 1.10
C LEU A 62 9.34 -0.29 0.52
N THR A 63 10.33 0.39 1.10
CA THR A 63 10.79 1.66 0.55
C THR A 63 11.46 1.41 -0.81
N ALA A 64 12.30 0.39 -0.88
CA ALA A 64 12.93 0.03 -2.14
C ALA A 64 11.88 -0.28 -3.21
N MET A 65 10.83 -1.00 -2.82
CA MET A 65 9.75 -1.34 -3.74
CA MET A 65 9.78 -1.34 -3.76
C MET A 65 9.07 -0.09 -4.26
N SER A 66 8.76 0.82 -3.35
CA SER A 66 8.05 2.03 -3.69
C SER A 66 8.89 2.87 -4.66
N VAL A 67 10.19 2.97 -4.38
CA VAL A 67 11.10 3.73 -5.23
C VAL A 67 11.17 3.10 -6.61
N PHE A 68 11.19 1.77 -6.68
CA PHE A 68 11.18 1.12 -7.97
C PHE A 68 9.93 1.49 -8.78
N PHE A 69 8.76 1.39 -8.17
CA PHE A 69 7.52 1.68 -8.89
C PHE A 69 7.37 3.16 -9.24
N PHE A 70 7.82 4.07 -8.38
CA PHE A 70 7.83 5.48 -8.73
C PHE A 70 8.65 5.71 -10.01
N GLY A 71 9.76 4.99 -10.13
CA GLY A 71 10.62 5.12 -11.30
C GLY A 71 10.03 4.49 -12.54
N LEU A 72 9.24 3.44 -12.35
CA LEU A 72 8.58 2.76 -13.46
C LEU A 72 7.44 3.58 -14.05
N LEU A 73 6.71 4.27 -13.18
CA LEU A 73 5.58 5.09 -13.61
C LEU A 73 6.06 6.46 -14.06
N THR A 74 5.46 7.01 -15.10
CA THR A 74 5.93 8.28 -15.64
C THR A 74 5.26 9.50 -15.01
N VAL A 75 4.32 9.26 -14.09
CA VAL A 75 3.54 10.34 -13.50
C VAL A 75 4.31 11.12 -12.44
N PRO A 76 3.97 12.41 -12.27
CA PRO A 76 4.58 13.21 -11.20
C PRO A 76 4.40 12.57 -9.83
N ASN A 77 5.46 12.58 -9.03
CA ASN A 77 5.38 12.00 -7.70
C ASN A 77 6.10 12.89 -6.70
N HIS A 78 5.91 12.61 -5.42
CA HIS A 78 6.40 13.52 -4.35
C HIS A 78 7.88 13.36 -4.00
N LEU A 79 8.60 12.45 -4.62
CA LEU A 79 10.01 12.29 -4.25
C LEU A 79 10.78 13.58 -4.51
N ALA A 80 11.59 13.98 -3.54
CA ALA A 80 12.31 15.25 -3.62
C ALA A 80 13.81 15.08 -3.46
N GLY A 81 14.29 13.85 -3.45
CA GLY A 81 15.71 13.59 -3.34
C GLY A 81 15.98 12.12 -3.51
N PRO A 82 17.26 11.75 -3.65
CA PRO A 82 17.67 10.35 -3.79
C PRO A 82 17.53 9.61 -2.45
N PRO A 83 17.55 8.27 -2.50
CA PRO A 83 17.41 7.49 -1.26
C PRO A 83 18.56 7.70 -0.26
N ASP A 84 19.67 8.27 -0.71
CA ASP A 84 20.77 8.57 0.21
C ASP A 84 20.91 10.07 0.48
N ASP A 85 19.87 10.83 0.17
CA ASP A 85 19.85 12.26 0.41
C ASP A 85 20.39 12.59 1.80
N PRO A 86 21.31 13.56 1.92
CA PRO A 86 21.95 13.83 3.21
C PRO A 86 20.97 14.30 4.29
N ARG A 87 19.76 14.68 3.92
CA ARG A 87 18.77 15.11 4.93
C ARG A 87 18.15 13.92 5.65
N ILE A 88 18.43 12.71 5.18
CA ILE A 88 17.88 11.50 5.79
C ILE A 88 18.78 11.03 6.95
N PRO A 89 18.22 10.90 8.16
CA PRO A 89 19.02 10.41 9.30
C PRO A 89 19.53 8.99 9.08
N GLU A 90 20.72 8.73 9.63
CA GLU A 90 21.31 7.40 9.57
C GLU A 90 20.37 6.32 10.07
N GLU A 91 19.67 6.60 11.16
CA GLU A 91 18.86 5.56 11.79
C GLU A 91 17.70 5.10 10.92
N VAL A 92 17.27 5.93 9.96
CA VAL A 92 16.20 5.51 9.05
C VAL A 92 16.66 5.37 7.60
N LEU A 93 17.97 5.35 7.38
CA LEU A 93 18.51 5.21 6.04
C LEU A 93 18.02 3.94 5.37
N GLY A 94 17.49 4.08 4.16
CA GLY A 94 16.96 2.96 3.42
C GLY A 94 15.47 2.74 3.60
N ARG A 95 14.91 3.34 4.65
CA ARG A 95 13.47 3.20 4.90
C ARG A 95 12.81 4.56 5.09
N ALA A 96 13.46 5.60 4.57
CA ALA A 96 12.93 6.95 4.65
C ALA A 96 13.22 7.69 3.36
N LEU A 97 12.28 8.55 2.97
CA LEU A 97 12.42 9.32 1.74
C LEU A 97 12.17 10.79 2.00
N LEU A 98 12.94 11.64 1.33
CA LEU A 98 12.71 13.09 1.36
C LEU A 98 11.64 13.38 0.29
N VAL A 99 10.55 13.97 0.70
CA VAL A 99 9.45 14.22 -0.22
C VAL A 99 8.96 15.67 -0.18
N ARG A 100 8.33 16.11 -1.25
CA ARG A 100 7.74 17.44 -1.33
C ARG A 100 6.47 17.49 -0.52
N ARG A 101 6.27 18.53 0.28
CA ARG A 101 5.01 18.66 0.99
C ARG A 101 3.91 19.04 0.00
N LEU A 102 2.81 18.30 0.06
CA LEU A 102 1.67 18.53 -0.81
C LEU A 102 0.40 18.85 -0.02
N ASP A 103 -0.57 19.47 -0.67
CA ASP A 103 -1.90 19.54 -0.09
C ASP A 103 -2.60 18.24 -0.46
N MET A 104 -2.78 17.36 0.51
CA MET A 104 -3.28 16.02 0.22
C MET A 104 -4.78 16.04 -0.05
N LEU A 105 -5.20 15.26 -1.04
CA LEU A 105 -6.61 15.10 -1.33
C LEU A 105 -7.19 14.00 -0.46
N PRO A 106 -8.32 14.27 0.19
CA PRO A 106 -8.91 13.33 1.15
C PRO A 106 -9.69 12.19 0.51
N VAL A 107 -9.01 11.47 -0.36
CA VAL A 107 -9.61 10.34 -1.08
C VAL A 107 -8.61 9.19 -1.12
N GLU A 108 -9.03 8.02 -0.64
CA GLU A 108 -8.23 6.83 -0.83
C GLU A 108 -8.55 6.29 -2.22
N CYS A 109 -7.59 6.40 -3.14
CA CYS A 109 -7.81 6.04 -4.52
C CYS A 109 -7.44 4.59 -4.76
N VAL A 110 -8.45 3.75 -4.77
CA VAL A 110 -8.24 2.31 -4.86
C VAL A 110 -8.61 1.82 -6.25
N ALA A 111 -7.74 0.98 -6.80
CA ALA A 111 -8.01 0.25 -8.03
C ALA A 111 -8.12 -1.23 -7.69
N ARG A 112 -9.12 -1.90 -8.26
CA ARG A 112 -9.25 -3.35 -8.06
C ARG A 112 -9.25 -4.05 -9.39
N GLY A 113 -8.28 -4.94 -9.61
CA GLY A 113 -8.27 -5.78 -10.78
C GLY A 113 -8.95 -7.11 -10.55
N TYR A 114 -9.18 -7.42 -9.27
CA TYR A 114 -9.79 -8.68 -8.85
C TYR A 114 -10.73 -8.37 -7.70
N LEU A 115 -11.73 -9.21 -7.54
CA LEU A 115 -12.80 -8.98 -6.57
C LEU A 115 -12.56 -9.72 -5.26
N THR A 116 -12.20 -8.99 -4.21
CA THR A 116 -11.95 -9.58 -2.92
C THR A 116 -12.21 -8.53 -1.84
N GLY A 117 -12.06 -8.92 -0.57
CA GLY A 117 -12.19 -7.98 0.52
C GLY A 117 -13.52 -7.24 0.52
N SER A 118 -13.48 -5.95 0.83
CA SER A 118 -14.72 -5.18 0.94
C SER A 118 -15.38 -5.02 -0.42
N GLY A 119 -14.61 -5.09 -1.51
CA GLY A 119 -15.20 -5.02 -2.84
C GLY A 119 -16.11 -6.22 -3.07
N LEU A 120 -15.59 -7.40 -2.79
CA LEU A 120 -16.40 -8.61 -2.91
C LEU A 120 -17.63 -8.54 -2.00
N LEU A 121 -17.44 -8.09 -0.76
CA LEU A 121 -18.55 -8.05 0.19
C LEU A 121 -19.64 -7.10 -0.29
N ASP A 122 -19.27 -5.92 -0.75
CA ASP A 122 -20.25 -4.96 -1.25
C ASP A 122 -21.01 -5.58 -2.44
N TYR A 123 -20.30 -6.25 -3.32
CA TYR A 123 -20.92 -6.92 -4.46
C TYR A 123 -21.89 -8.01 -4.01
N GLN A 124 -21.49 -8.80 -3.02
CA GLN A 124 -22.36 -9.88 -2.55
C GLN A 124 -23.59 -9.34 -1.85
N ARG A 125 -23.48 -8.15 -1.27
CA ARG A 125 -24.62 -7.54 -0.61
C ARG A 125 -25.56 -6.80 -1.56
N THR A 126 -25.01 -6.20 -2.62
CA THR A 126 -25.77 -5.22 -3.40
C THR A 126 -25.70 -5.42 -4.90
N GLY A 127 -24.75 -6.21 -5.37
CA GLY A 127 -24.50 -6.36 -6.79
C GLY A 127 -23.61 -5.27 -7.38
N ALA A 128 -23.18 -4.33 -6.53
CA ALA A 128 -22.38 -3.20 -6.98
C ALA A 128 -21.24 -2.94 -6.01
N VAL A 129 -20.20 -2.29 -6.52
CA VAL A 129 -19.09 -1.81 -5.69
C VAL A 129 -18.80 -0.36 -6.03
N CYS A 130 -18.93 0.54 -5.06
CA CYS A 130 -18.61 1.95 -5.25
C CYS A 130 -19.28 2.56 -6.48
N GLY A 131 -20.55 2.18 -6.68
CA GLY A 131 -21.33 2.72 -7.78
C GLY A 131 -21.17 1.97 -9.09
N HIS A 132 -20.34 0.93 -9.11
CA HIS A 132 -20.20 0.07 -10.28
C HIS A 132 -21.08 -1.16 -10.18
N VAL A 133 -22.10 -1.24 -11.02
CA VAL A 133 -22.96 -2.40 -11.09
C VAL A 133 -22.27 -3.45 -11.94
N LEU A 134 -22.00 -4.61 -11.34
CA LEU A 134 -21.18 -5.62 -11.98
C LEU A 134 -22.02 -6.75 -12.56
N PRO A 135 -21.43 -7.56 -13.46
CA PRO A 135 -22.15 -8.74 -13.96
C PRO A 135 -22.54 -9.68 -12.82
N GLN A 136 -23.62 -10.44 -13.00
CA GLN A 136 -23.93 -11.51 -12.05
C GLN A 136 -22.91 -12.62 -12.19
N GLY A 137 -22.74 -13.41 -11.12
CA GLY A 137 -21.95 -14.62 -11.21
C GLY A 137 -20.48 -14.50 -10.79
N LEU A 138 -20.07 -13.33 -10.32
CA LEU A 138 -18.70 -13.17 -9.83
C LEU A 138 -18.56 -13.69 -8.42
N GLY A 139 -17.34 -13.94 -8.02
CA GLY A 139 -17.07 -14.43 -6.68
C GLY A 139 -15.66 -14.09 -6.25
N GLU A 140 -15.22 -14.76 -5.18
CA GLU A 140 -13.92 -14.53 -4.59
C GLU A 140 -12.81 -14.65 -5.63
N ALA A 141 -12.00 -13.59 -5.71
CA ALA A 141 -10.83 -13.51 -6.58
C ALA A 141 -11.18 -13.54 -8.08
N SER A 142 -12.44 -13.26 -8.43
CA SER A 142 -12.78 -13.07 -9.84
C SER A 142 -12.00 -11.92 -10.45
N ARG A 143 -11.51 -12.10 -11.68
CA ARG A 143 -10.88 -11.02 -12.42
C ARG A 143 -11.92 -9.95 -12.78
N LEU A 144 -11.55 -8.68 -12.59
CA LEU A 144 -12.35 -7.53 -13.00
C LEU A 144 -11.69 -6.81 -14.16
N ASP A 145 -12.29 -6.89 -15.34
CA ASP A 145 -11.76 -6.24 -16.52
C ASP A 145 -12.87 -5.42 -17.18
N PRO A 146 -12.70 -4.10 -17.27
CA PRO A 146 -11.53 -3.33 -16.83
C PRO A 146 -11.44 -3.26 -15.30
N PRO A 147 -10.25 -2.90 -14.79
CA PRO A 147 -10.16 -2.73 -13.35
C PRO A 147 -11.09 -1.61 -12.89
N LEU A 148 -11.55 -1.70 -11.64
CA LEU A 148 -12.49 -0.74 -11.09
C LEU A 148 -11.82 0.32 -10.23
N PHE A 149 -12.27 1.56 -10.38
CA PHE A 149 -11.95 2.61 -9.43
C PHE A 149 -12.93 2.52 -8.28
N THR A 150 -12.45 2.17 -7.08
CA THR A 150 -13.32 1.94 -5.95
C THR A 150 -12.84 2.82 -4.80
N PRO A 151 -13.15 4.12 -4.89
CA PRO A 151 -12.61 5.06 -3.88
C PRO A 151 -13.18 4.82 -2.47
N ALA A 152 -12.42 5.25 -1.48
CA ALA A 152 -12.84 5.13 -0.10
C ALA A 152 -12.43 6.40 0.67
N THR A 153 -13.07 6.60 1.83
CA THR A 153 -12.67 7.68 2.73
C THR A 153 -12.28 7.12 4.08
N LYS A 154 -11.33 7.77 4.75
CA LYS A 154 -10.92 7.35 6.08
C LYS A 154 -12.06 7.57 7.08
N ALA A 155 -12.20 6.65 8.02
CA ALA A 155 -13.20 6.78 9.07
C ALA A 155 -12.52 7.08 10.40
N ASP A 156 -13.17 6.74 11.50
CA ASP A 156 -12.61 6.95 12.83
C ASP A 156 -11.38 6.07 13.06
N ILE A 157 -10.63 6.37 14.13
CA ILE A 157 -9.32 5.77 14.40
C ILE A 157 -9.20 4.26 14.18
N GLY A 158 -10.11 3.49 14.75
CA GLY A 158 -10.01 2.03 14.66
C GLY A 158 -10.87 1.39 13.59
N GLU A 159 -11.44 2.22 12.72
CA GLU A 159 -12.40 1.73 11.74
C GLU A 159 -11.80 1.56 10.34
N HIS A 160 -12.39 0.66 9.56
CA HIS A 160 -11.99 0.47 8.18
C HIS A 160 -12.41 1.68 7.36
N ASP A 161 -11.71 1.91 6.24
CA ASP A 161 -12.11 2.96 5.32
C ASP A 161 -13.52 2.68 4.79
N MET A 162 -14.26 3.74 4.50
CA MET A 162 -15.62 3.60 3.99
CA MET A 162 -15.62 3.59 3.98
C MET A 162 -15.63 3.70 2.46
N ASN A 163 -16.13 2.66 1.80
CA ASN A 163 -16.25 2.71 0.33
C ASN A 163 -17.29 3.73 -0.09
N VAL A 164 -16.95 4.54 -1.09
CA VAL A 164 -17.86 5.56 -1.60
C VAL A 164 -17.90 5.51 -3.12
N ASP A 165 -18.87 6.17 -3.73
CA ASP A 165 -18.96 6.16 -5.18
C ASP A 165 -18.33 7.40 -5.81
N PHE A 166 -18.41 7.51 -7.12
CA PHE A 166 -17.74 8.59 -7.83
C PHE A 166 -18.33 9.94 -7.41
N ALA A 167 -19.65 10.02 -7.23
CA ALA A 167 -20.28 11.28 -6.82
C ALA A 167 -19.71 11.78 -5.50
N ALA A 168 -19.41 10.85 -4.59
CA ALA A 168 -18.80 11.24 -3.33
C ALA A 168 -17.42 11.85 -3.57
N VAL A 169 -16.67 11.30 -4.51
CA VAL A 169 -15.36 11.85 -4.82
C VAL A 169 -15.51 13.25 -5.43
N VAL A 170 -16.46 13.40 -6.33
CA VAL A 170 -16.75 14.73 -6.89
C VAL A 170 -17.02 15.74 -5.77
N GLY A 171 -17.84 15.37 -4.80
CA GLY A 171 -18.16 16.26 -3.70
C GLY A 171 -16.99 16.56 -2.78
N LEU A 172 -15.97 15.71 -2.82
CA LEU A 172 -14.79 15.96 -2.00
C LEU A 172 -13.77 16.85 -2.68
N VAL A 173 -13.56 16.67 -3.99
CA VAL A 173 -12.41 17.32 -4.65
C VAL A 173 -12.72 18.13 -5.91
N GLY A 174 -13.96 18.07 -6.39
CA GLY A 174 -14.33 18.73 -7.63
C GLY A 174 -14.56 17.75 -8.76
N ALA A 175 -15.41 18.13 -9.70
CA ALA A 175 -15.76 17.25 -10.81
C ALA A 175 -14.58 16.91 -11.70
N VAL A 176 -13.84 17.92 -12.14
CA VAL A 176 -12.72 17.68 -13.03
C VAL A 176 -11.61 16.92 -12.29
N ARG A 177 -11.33 17.30 -11.05
CA ARG A 177 -10.31 16.60 -10.28
C ARG A 177 -10.69 15.13 -10.04
N ALA A 178 -11.97 14.87 -9.77
CA ALA A 178 -12.44 13.51 -9.56
C ALA A 178 -12.17 12.66 -10.80
N ASN A 179 -12.46 13.21 -11.98
CA ASN A 179 -12.17 12.55 -13.25
CA ASN A 179 -12.19 12.48 -13.20
C ASN A 179 -10.70 12.21 -13.37
N GLN A 180 -9.88 13.19 -13.00
CA GLN A 180 -8.43 13.04 -13.07
C GLN A 180 -7.96 11.93 -12.13
N LEU A 181 -8.48 11.90 -10.91
CA LEU A 181 -8.10 10.86 -9.95
C LEU A 181 -8.46 9.47 -10.49
N ARG A 182 -9.67 9.33 -10.99
CA ARG A 182 -10.15 8.08 -11.53
CA ARG A 182 -10.15 8.07 -11.53
C ARG A 182 -9.25 7.59 -12.66
N ASP A 183 -8.99 8.47 -13.61
CA ASP A 183 -8.24 8.09 -14.80
C ASP A 183 -6.80 7.74 -14.44
N GLU A 184 -6.15 8.56 -13.63
CA GLU A 184 -4.77 8.27 -13.29
C GLU A 184 -4.65 6.99 -12.45
N THR A 185 -5.59 6.78 -11.53
CA THR A 185 -5.58 5.59 -10.67
C THR A 185 -5.65 4.32 -11.54
N ILE A 186 -6.59 4.28 -12.47
CA ILE A 186 -6.73 3.10 -13.31
CA ILE A 186 -6.74 3.13 -13.34
C ILE A 186 -5.53 2.94 -14.25
N LYS A 187 -5.03 4.03 -14.81
CA LYS A 187 -3.89 3.96 -15.72
C LYS A 187 -2.63 3.41 -15.03
N ILE A 188 -2.27 3.96 -13.87
CA ILE A 188 -1.05 3.47 -13.26
C ILE A 188 -1.24 2.10 -12.63
N TYR A 189 -2.43 1.78 -12.10
CA TYR A 189 -2.66 0.40 -11.65
C TYR A 189 -2.46 -0.57 -12.81
N THR A 190 -3.05 -0.26 -13.96
CA THR A 190 -2.99 -1.17 -15.11
C THR A 190 -1.53 -1.44 -15.50
N ARG A 191 -0.73 -0.39 -15.58
CA ARG A 191 0.68 -0.51 -15.92
C ARG A 191 1.43 -1.38 -14.91
N ALA A 192 1.31 -1.04 -13.63
CA ALA A 192 2.05 -1.77 -12.61
C ALA A 192 1.60 -3.22 -12.52
N ALA A 193 0.30 -3.46 -12.65
CA ALA A 193 -0.22 -4.82 -12.54
C ALA A 193 0.28 -5.72 -13.66
N ALA A 194 0.35 -5.18 -14.87
CA ALA A 194 0.84 -5.94 -16.00
C ALA A 194 2.31 -6.25 -15.81
N HIS A 195 3.08 -5.28 -15.30
CA HIS A 195 4.50 -5.47 -15.05
C HIS A 195 4.72 -6.58 -14.02
N ALA A 196 4.00 -6.52 -12.91
CA ALA A 196 4.13 -7.52 -11.87
C ALA A 196 3.74 -8.91 -12.36
N LEU A 197 2.64 -9.00 -13.09
CA LEU A 197 2.16 -10.29 -13.56
C LEU A 197 3.16 -10.92 -14.53
N HIS A 198 3.83 -10.10 -15.30
CA HIS A 198 4.86 -10.57 -16.22
C HIS A 198 5.99 -11.26 -15.44
N LYS A 199 6.19 -10.83 -14.21
CA LYS A 199 7.21 -11.37 -13.31
C LYS A 199 6.65 -12.41 -12.33
N GLY A 200 5.40 -12.80 -12.53
CA GLY A 200 4.81 -13.89 -11.74
C GLY A 200 4.06 -13.49 -10.48
N ILE A 201 3.80 -12.20 -10.32
CA ILE A 201 3.06 -11.72 -9.15
C ILE A 201 1.83 -10.94 -9.60
N ILE A 202 0.68 -11.29 -9.06
CA ILE A 202 -0.53 -10.52 -9.32
C ILE A 202 -0.65 -9.42 -8.27
N LEU A 203 -0.82 -8.18 -8.74
CA LEU A 203 -1.23 -7.08 -7.88
C LEU A 203 -2.74 -7.03 -7.97
N ALA A 204 -3.43 -7.57 -6.97
CA ALA A 204 -4.87 -7.77 -7.10
C ALA A 204 -5.62 -6.45 -6.98
N ASP A 205 -5.06 -5.54 -6.19
CA ASP A 205 -5.66 -4.23 -5.98
C ASP A 205 -4.58 -3.35 -5.37
N THR A 206 -4.87 -2.06 -5.25
CA THR A 206 -3.89 -1.14 -4.69
C THR A 206 -4.59 0.13 -4.25
N LYS A 207 -3.97 0.83 -3.30
CA LYS A 207 -4.50 2.07 -2.75
C LYS A 207 -3.45 3.18 -2.89
N PHE A 208 -3.83 4.29 -3.52
CA PHE A 208 -2.99 5.48 -3.72
C PHE A 208 -3.52 6.64 -2.91
N GLU A 209 -2.61 7.50 -2.47
CA GLU A 209 -3.00 8.85 -2.07
C GLU A 209 -2.30 9.87 -2.95
N PHE A 210 -3.04 10.89 -3.35
CA PHE A 210 -2.52 11.97 -4.16
C PHE A 210 -2.58 13.28 -3.41
N GLY A 211 -1.69 14.20 -3.78
CA GLY A 211 -1.78 15.57 -3.31
C GLY A 211 -1.62 16.51 -4.47
N VAL A 212 -1.78 17.79 -4.17
CA VAL A 212 -1.60 18.81 -5.19
CA VAL A 212 -1.65 18.84 -5.16
C VAL A 212 -0.48 19.74 -4.77
N ASP A 213 0.36 20.11 -5.75
CA ASP A 213 1.49 20.98 -5.42
C ASP A 213 1.08 22.44 -5.62
N ILE A 214 2.05 23.34 -5.49
CA ILE A 214 1.76 24.77 -5.55
C ILE A 214 1.17 25.19 -6.90
N GLU A 215 1.53 24.46 -7.96
CA GLU A 215 1.08 24.81 -9.30
C GLU A 215 -0.27 24.19 -9.66
N GLY A 216 -0.86 23.45 -8.73
CA GLY A 216 -2.15 22.83 -8.97
C GLY A 216 -2.05 21.45 -9.58
N ASN A 217 -0.82 20.98 -9.76
CA ASN A 217 -0.57 19.66 -10.35
C ASN A 217 -0.90 18.51 -9.41
N LEU A 218 -1.52 17.48 -9.96
CA LEU A 218 -1.76 16.22 -9.24
C LEU A 218 -0.48 15.38 -9.10
N VAL A 219 -0.15 15.07 -7.86
CA VAL A 219 1.11 14.39 -7.55
C VAL A 219 0.86 13.13 -6.73
N LEU A 220 1.41 12.01 -7.21
CA LEU A 220 1.30 10.73 -6.51
C LEU A 220 2.19 10.74 -5.27
N ALA A 221 1.64 10.41 -4.11
CA ALA A 221 2.40 10.50 -2.87
C ALA A 221 2.39 9.16 -2.11
N ASP A 222 2.66 9.25 -0.81
CA ASP A 222 2.55 8.09 0.05
C ASP A 222 3.53 7.01 -0.43
N GLU A 223 3.16 5.75 -0.23
CA GLU A 223 3.95 4.67 -0.79
C GLU A 223 3.14 4.05 -1.89
N VAL A 224 3.81 3.50 -2.89
CA VAL A 224 3.07 2.96 -4.01
C VAL A 224 3.45 1.52 -4.28
N PHE A 225 2.39 0.72 -4.46
CA PHE A 225 2.50 -0.68 -4.89
C PHE A 225 3.35 -1.53 -3.95
N THR A 226 3.25 -1.27 -2.66
CA THR A 226 3.89 -2.13 -1.69
C THR A 226 2.89 -3.19 -1.25
N PRO A 227 3.37 -4.26 -0.59
CA PRO A 227 2.42 -5.24 -0.08
C PRO A 227 1.56 -4.71 1.06
N ASP A 228 1.91 -3.55 1.62
CA ASP A 228 1.03 -2.90 2.59
C ASP A 228 -0.09 -2.10 1.92
N SER A 229 0.18 -1.57 0.72
CA SER A 229 -0.79 -0.74 0.01
C SER A 229 -1.56 -1.55 -1.03
N SER A 230 -1.15 -2.80 -1.24
CA SER A 230 -1.65 -3.63 -2.35
C SER A 230 -1.75 -5.08 -1.92
N ARG A 231 -2.71 -5.83 -2.44
CA ARG A 231 -2.68 -7.29 -2.25
C ARG A 231 -1.79 -7.94 -3.29
N TYR A 232 -0.68 -8.52 -2.84
CA TYR A 232 0.21 -9.34 -3.66
C TYR A 232 -0.23 -10.81 -3.62
N TRP A 233 -0.38 -11.43 -4.80
CA TRP A 233 -0.67 -12.85 -4.93
C TRP A 233 0.39 -13.51 -5.78
N ASP A 234 0.66 -14.78 -5.53
CA ASP A 234 1.47 -15.59 -6.44
C ASP A 234 0.64 -15.98 -7.67
N ALA A 235 1.06 -15.53 -8.83
CA ALA A 235 0.31 -15.82 -10.07
C ALA A 235 0.25 -17.32 -10.37
N ALA A 236 1.32 -18.04 -10.03
CA ALA A 236 1.43 -19.46 -10.36
C ALA A 236 0.36 -20.29 -9.69
N HIS A 237 -0.24 -19.72 -8.63
CA HIS A 237 -1.26 -20.41 -7.86
C HIS A 237 -2.60 -19.71 -7.90
N TYR A 238 -2.78 -18.82 -8.87
CA TYR A 238 -4.02 -18.10 -8.94
C TYR A 238 -5.15 -19.04 -9.31
N GLN A 239 -6.17 -19.09 -8.47
CA GLN A 239 -7.30 -19.99 -8.64
C GLN A 239 -8.57 -19.24 -8.29
N PRO A 240 -9.26 -18.70 -9.28
CA PRO A 240 -10.50 -17.97 -8.96
C PRO A 240 -11.49 -18.85 -8.21
N GLY A 241 -12.20 -18.26 -7.26
CA GLY A 241 -13.23 -18.97 -6.53
C GLY A 241 -12.86 -19.28 -5.09
N VAL A 242 -11.58 -19.20 -4.76
CA VAL A 242 -11.14 -19.40 -3.38
C VAL A 242 -10.31 -18.19 -2.96
N VAL A 243 -10.10 -18.05 -1.65
CA VAL A 243 -9.30 -16.95 -1.16
C VAL A 243 -7.83 -17.22 -1.48
N GLN A 244 -7.17 -16.26 -2.12
CA GLN A 244 -5.76 -16.40 -2.47
C GLN A 244 -4.88 -16.15 -1.27
N ASP A 245 -3.79 -16.90 -1.17
CA ASP A 245 -2.79 -16.64 -0.13
C ASP A 245 -2.18 -15.27 -0.33
N SER A 246 -1.90 -14.61 0.79
CA SER A 246 -1.12 -13.38 0.75
C SER A 246 0.31 -13.76 0.43
N PHE A 247 0.90 -13.15 -0.60
CA PHE A 247 2.26 -13.51 -0.98
C PHE A 247 3.21 -13.30 0.19
N ASP A 248 3.01 -12.20 0.91
CA ASP A 248 3.94 -11.77 1.95
CA ASP A 248 3.97 -11.85 1.94
C ASP A 248 3.54 -12.20 3.36
N LYS A 249 2.23 -12.18 3.62
CA LYS A 249 1.75 -12.35 5.00
C LYS A 249 1.17 -13.72 5.35
N GLN A 250 1.21 -14.69 4.46
CA GLN A 250 0.44 -15.90 4.74
C GLN A 250 1.06 -16.71 5.89
N PHE A 251 2.37 -16.70 6.03
CA PHE A 251 3.00 -17.39 7.18
C PHE A 251 2.54 -16.80 8.51
N VAL A 252 2.51 -15.47 8.58
CA VAL A 252 2.01 -14.77 9.75
C VAL A 252 0.56 -15.13 10.05
N ARG A 253 -0.29 -15.09 9.02
CA ARG A 253 -1.71 -15.36 9.20
C ARG A 253 -1.94 -16.82 9.60
N ASN A 254 -1.23 -17.75 8.97
CA ASN A 254 -1.40 -19.16 9.30
C ASN A 254 -0.96 -19.47 10.73
N TRP A 255 0.13 -18.86 11.18
CA TRP A 255 0.60 -19.13 12.53
C TRP A 255 -0.36 -18.55 13.57
N LEU A 256 -0.77 -17.30 13.38
CA LEU A 256 -1.68 -16.65 14.31
C LEU A 256 -2.98 -17.42 14.48
N THR A 257 -3.49 -17.98 13.39
CA THR A 257 -4.77 -18.68 13.43
C THR A 257 -4.60 -20.19 13.57
N GLY A 258 -3.36 -20.64 13.78
CA GLY A 258 -3.08 -22.05 13.92
C GLY A 258 -3.10 -22.50 15.37
N PRO A 259 -2.73 -23.76 15.62
CA PRO A 259 -2.81 -24.36 16.95
C PRO A 259 -1.69 -23.93 17.91
N GLU A 260 -0.64 -23.29 17.39
CA GLU A 260 0.53 -22.97 18.20
C GLU A 260 0.52 -21.57 18.82
N SER A 261 -0.37 -20.70 18.36
CA SER A 261 -0.36 -19.32 18.83
C SER A 261 -1.03 -19.14 20.18
N GLY A 262 -2.05 -19.96 20.45
CA GLY A 262 -2.85 -19.83 21.64
C GLY A 262 -3.82 -18.65 21.56
N TRP A 263 -3.98 -18.13 20.35
CA TRP A 263 -4.79 -16.93 20.13
C TRP A 263 -6.07 -17.27 19.38
N ASP A 264 -7.18 -16.66 19.81
CA ASP A 264 -8.45 -16.78 19.11
C ASP A 264 -8.73 -15.49 18.36
N ARG A 265 -8.79 -15.58 17.03
CA ARG A 265 -9.01 -14.42 16.18
C ARG A 265 -10.33 -13.72 16.52
N ALA A 266 -11.36 -14.51 16.80
CA ALA A 266 -12.68 -13.99 17.10
C ALA A 266 -12.69 -13.10 18.35
N SER A 267 -11.77 -13.37 19.26
CA SER A 267 -11.73 -12.68 20.56
C SER A 267 -11.55 -11.18 20.44
N ASP A 268 -10.93 -10.74 19.34
CA ASP A 268 -10.57 -9.33 19.12
C ASP A 268 -9.56 -8.85 20.18
N THR A 269 -8.98 -9.80 20.90
CA THR A 269 -7.88 -9.52 21.81
C THR A 269 -6.62 -9.33 20.98
N PRO A 270 -5.75 -8.40 21.38
CA PRO A 270 -4.48 -8.22 20.66
C PRO A 270 -3.71 -9.54 20.59
N PRO A 271 -3.23 -9.90 19.39
CA PRO A 271 -2.54 -11.17 19.16
C PRO A 271 -1.17 -11.23 19.83
N PRO A 272 -0.65 -12.45 20.03
CA PRO A 272 0.64 -12.63 20.70
C PRO A 272 1.78 -12.32 19.74
N PRO A 273 3.02 -12.23 20.25
CA PRO A 273 4.17 -12.04 19.37
C PRO A 273 4.41 -13.26 18.47
N LEU A 274 5.04 -13.01 17.32
CA LEU A 274 5.34 -14.04 16.35
C LEU A 274 6.63 -14.79 16.67
N PRO A 275 6.71 -16.07 16.27
CA PRO A 275 8.01 -16.74 16.32
C PRO A 275 9.06 -16.01 15.48
N ASP A 276 10.28 -15.92 15.97
CA ASP A 276 11.39 -15.35 15.19
C ASP A 276 11.46 -15.95 13.80
N GLU A 277 11.27 -17.26 13.68
CA GLU A 277 11.44 -17.89 12.38
C GLU A 277 10.31 -17.50 11.43
N VAL A 278 9.13 -17.16 11.96
CA VAL A 278 8.05 -16.67 11.11
C VAL A 278 8.40 -15.27 10.61
N ALA A 279 8.98 -14.45 11.48
CA ALA A 279 9.41 -13.12 11.08
C ALA A 279 10.48 -13.16 9.99
N VAL A 280 11.46 -14.06 10.13
CA VAL A 280 12.55 -14.16 9.16
C VAL A 280 12.03 -14.69 7.81
N ALA A 281 11.11 -15.64 7.87
CA ALA A 281 10.50 -16.19 6.66
C ALA A 281 9.72 -15.11 5.93
N THR A 282 9.09 -14.23 6.69
CA THR A 282 8.29 -13.14 6.13
C THR A 282 9.20 -12.12 5.43
N ARG A 283 10.34 -11.81 6.06
CA ARG A 283 11.35 -10.96 5.45
C ARG A 283 11.79 -11.53 4.11
N GLU A 284 12.00 -12.84 4.06
CA GLU A 284 12.41 -13.50 2.84
C GLU A 284 11.36 -13.34 1.74
N ARG A 285 10.08 -13.44 2.09
CA ARG A 285 9.01 -13.24 1.14
C ARG A 285 9.00 -11.83 0.57
N TYR A 286 9.19 -10.83 1.43
CA TYR A 286 9.29 -9.45 0.96
C TYR A 286 10.45 -9.27 -0.02
N ILE A 287 11.62 -9.82 0.32
CA ILE A 287 12.77 -9.69 -0.56
C ILE A 287 12.51 -10.36 -1.89
N GLU A 288 11.89 -11.54 -1.84
CA GLU A 288 11.59 -12.26 -3.08
C GLU A 288 10.65 -11.44 -3.97
N ALA A 289 9.61 -10.88 -3.38
CA ALA A 289 8.68 -10.07 -4.16
C ALA A 289 9.40 -8.87 -4.77
N TYR A 290 10.21 -8.18 -3.98
CA TYR A 290 10.94 -7.03 -4.47
C TYR A 290 11.88 -7.38 -5.62
N GLU A 291 12.68 -8.43 -5.43
CA GLU A 291 13.66 -8.79 -6.44
C GLU A 291 12.99 -9.28 -7.71
N ARG A 292 11.89 -10.00 -7.57
CA ARG A 292 11.21 -10.49 -8.77
C ARG A 292 10.59 -9.35 -9.56
N ILE A 293 9.95 -8.41 -8.87
CA ILE A 293 9.31 -7.30 -9.56
C ILE A 293 10.31 -6.28 -10.10
N SER A 294 11.34 -5.95 -9.32
CA SER A 294 12.26 -4.89 -9.71
C SER A 294 13.36 -5.37 -10.65
N GLY A 295 13.72 -6.64 -10.56
CA GLY A 295 14.86 -7.16 -11.30
C GLY A 295 16.16 -6.68 -10.68
N LEU A 296 16.05 -6.10 -9.48
CA LEU A 296 17.21 -5.62 -8.73
C LEU A 296 17.52 -6.53 -7.55
N SER A 297 18.68 -6.32 -6.94
CA SER A 297 19.06 -7.09 -5.76
C SER A 297 18.89 -6.24 -4.51
N PHE A 298 18.20 -6.80 -3.52
CA PHE A 298 18.00 -6.04 -2.29
C PHE A 298 19.32 -5.82 -1.54
N SER A 299 20.30 -6.66 -1.81
CA SER A 299 21.60 -6.49 -1.17
C SER A 299 22.29 -5.19 -1.61
N ASP A 300 21.80 -4.59 -2.70
CA ASP A 300 22.35 -3.31 -3.19
C ASP A 300 21.60 -2.11 -2.62
N TRP A 301 20.49 -2.36 -1.93
CA TRP A 301 19.70 -1.28 -1.37
C TRP A 301 20.36 -0.71 -0.12
N ILE A 302 20.35 0.62 -0.01
CA ILE A 302 21.05 1.30 1.07
C ILE A 302 20.49 0.97 2.45
N GLY A 303 21.33 1.07 3.47
CA GLY A 303 20.91 0.90 4.84
C GLY A 303 21.88 1.55 5.79
N PRO A 304 21.61 1.48 7.09
CA PRO A 304 22.53 1.98 8.12
C PRO A 304 23.83 1.15 8.16
N01 Q4H B . 3.23 10.96 1.53
C02 Q4H B . 2.96 12.04 1.75
C03 Q4H B . 2.61 13.47 2.05
C04 Q4H B . 1.74 13.74 3.09
N05 Q4H B . 1.41 15.01 3.37
C06 Q4H B . 1.91 16.03 2.66
N07 Q4H B . 2.76 15.79 1.65
C08 Q4H B . 3.13 14.54 1.33
N09 Q4H B . 4.04 14.35 0.26
S SO4 C . -10.33 -3.90 1.30
O1 SO4 C . -10.95 -2.60 1.16
O2 SO4 C . -9.06 -3.83 2.01
O3 SO4 C . -10.15 -4.50 -0.01
O4 SO4 C . -11.21 -4.79 2.07
C1 EDO D . -5.66 -2.21 -1.55
O1 EDO D . -5.13 -3.48 -1.12
C2 EDO D . -7.15 -2.17 -1.21
O2 EDO D . -7.28 -2.15 0.22
C1 EDO E . -4.41 -20.09 -2.80
O1 EDO E . -3.43 -19.06 -2.98
C2 EDO E . -5.23 -20.28 -4.07
O2 EDO E . -4.49 -21.08 -5.00
#